data_6JIG
#
_entry.id   6JIG
#
_cell.length_a   143.277
_cell.length_b   143.277
_cell.length_c   132.961
_cell.angle_alpha   90.00
_cell.angle_beta   90.00
_cell.angle_gamma   90.00
#
_symmetry.space_group_name_H-M   'I 4 2 2'
#
loop_
_entity.id
_entity.type
_entity.pdbx_description
1 polymer 'GMP reductase'
2 non-polymer "GUANOSINE-5'-MONOPHOSPHATE"
3 non-polymer 'POTASSIUM ION'
4 water water
#
_entity_poly.entity_id   1
_entity_poly.type   'polypeptide(L)'
_entity_poly.pdbx_seq_one_letter_code
;MSFNESASIPTGLTYDDVLIIPQHSRVTSRKEVNTTTRLSRNVKLSIPIVASNMDTVCEQRMAVAMAREGGIGILHRFCS
IEEQCAMLREVKRAQSFLIESPRIILPHETAREAWEGLNWKGRVGGVGCLLVVNCKNERKLLGIITRHDLKLADESTTVE
SLMTPVDKMVVSTNTSISLEEVTHLMRKGRTANVPIVGQNGQLLYLVTLSDVVKLRKNKQASLDSRGRLLVGAAVGVKKD
DMNRAIRLVEAGADVLVVDIAHGHSDLCINMVKRLKGDPRTASVDIIAGNIASAEAAEALIDAGADGLKIGVGPGSIAIT
RLVAGAGVPQLSAVLACTRVARRRGVPCIADGGLRTSGDISKAIGAGADTVMLGNMLAGTDEAPGRVLVKDGQKVKIIRG
MAGFGANLSKAERERTQDEDVFSSLVPEGVEGSVACKGPVGPIVRQLVGGLRSGMSYSGAKSIEEMQRRTRFVRMTGAGL
RESGSHGVAKLKLAAALEHHHHHH
;
_entity_poly.pdbx_strand_id   A
#
# COMPACT_ATOMS: atom_id res chain seq x y z
N PHE A 3 28.40 -20.27 -35.92
CA PHE A 3 27.95 -20.15 -34.53
C PHE A 3 26.43 -20.10 -34.46
N ASN A 4 25.77 -21.21 -34.82
CA ASN A 4 24.32 -21.24 -34.97
C ASN A 4 23.56 -21.28 -33.64
N GLU A 5 24.10 -21.87 -32.60
CA GLU A 5 23.37 -21.94 -31.37
C GLU A 5 23.06 -20.55 -30.87
N SER A 6 24.01 -19.66 -30.98
CA SER A 6 23.81 -18.31 -30.49
C SER A 6 22.67 -17.61 -31.20
N ALA A 7 22.50 -17.85 -32.51
CA ALA A 7 21.48 -17.13 -33.26
C ALA A 7 20.06 -17.50 -32.84
N SER A 8 19.85 -18.64 -32.18
CA SER A 8 18.51 -19.07 -31.80
C SER A 8 18.04 -18.54 -30.45
N ILE A 9 18.90 -17.83 -29.73
CA ILE A 9 18.54 -17.26 -28.44
C ILE A 9 17.66 -16.02 -28.67
N PRO A 10 16.47 -15.96 -28.09
CA PRO A 10 15.59 -14.81 -28.31
C PRO A 10 16.12 -13.58 -27.56
N THR A 11 15.68 -12.42 -28.02
CA THR A 11 16.10 -11.15 -27.42
C THR A 11 14.99 -10.63 -26.52
N GLY A 12 15.34 -10.29 -25.27
CA GLY A 12 14.39 -9.69 -24.35
C GLY A 12 14.60 -8.19 -24.27
N LEU A 13 13.52 -7.45 -24.08
CA LEU A 13 13.56 -6.00 -24.05
C LEU A 13 13.23 -5.50 -22.65
N THR A 14 13.84 -4.38 -22.27
CA THR A 14 13.44 -3.68 -21.06
C THR A 14 12.81 -2.34 -21.44
N TYR A 15 12.43 -1.57 -20.41
CA TYR A 15 11.72 -0.31 -20.66
C TYR A 15 12.54 0.63 -21.52
N ASP A 16 13.84 0.76 -21.23
CA ASP A 16 14.69 1.66 -22.02
C ASP A 16 14.89 1.20 -23.45
N ASP A 17 14.41 0.02 -23.84
CA ASP A 17 14.52 -0.42 -25.23
C ASP A 17 13.40 0.09 -26.13
N VAL A 18 12.31 0.64 -25.58
CA VAL A 18 11.15 0.94 -26.42
C VAL A 18 10.60 2.32 -26.09
N LEU A 19 9.84 2.84 -27.05
CA LEU A 19 8.97 3.99 -26.84
C LEU A 19 7.55 3.61 -27.21
N ILE A 20 6.57 4.30 -26.62
CA ILE A 20 5.18 4.17 -27.01
C ILE A 20 4.94 4.98 -28.29
N ILE A 21 4.42 4.32 -29.31
CA ILE A 21 4.18 5.02 -30.58
C ILE A 21 2.94 5.88 -30.43
N PRO A 22 3.00 7.18 -30.74
CA PRO A 22 1.79 8.00 -30.63
C PRO A 22 0.69 7.48 -31.55
N GLN A 23 -0.55 7.53 -31.04
CA GLN A 23 -1.73 7.05 -31.73
C GLN A 23 -2.73 8.20 -31.83
N HIS A 24 -3.76 7.99 -32.64
CA HIS A 24 -4.84 8.96 -32.72
C HIS A 24 -5.51 9.11 -31.36
N SER A 25 -5.58 10.34 -30.86
CA SER A 25 -6.15 10.61 -29.54
C SER A 25 -7.41 11.44 -29.71
N ARG A 26 -8.53 10.90 -29.24
CA ARG A 26 -9.74 11.69 -29.10
C ARG A 26 -9.82 12.39 -27.76
N VAL A 27 -8.78 12.22 -26.93
CA VAL A 27 -8.76 12.81 -25.59
C VAL A 27 -8.73 14.31 -25.72
N THR A 28 -9.76 14.98 -25.20
CA THR A 28 -9.76 16.45 -25.20
C THR A 28 -9.33 17.03 -23.87
N SER A 29 -9.76 16.44 -22.75
CA SER A 29 -9.40 16.93 -21.42
C SER A 29 -8.53 15.90 -20.70
N ARG A 30 -7.50 16.40 -20.00
CA ARG A 30 -6.73 15.56 -19.10
C ARG A 30 -7.61 14.86 -18.07
N LYS A 31 -8.78 15.43 -17.78
CA LYS A 31 -9.70 14.83 -16.81
C LYS A 31 -10.43 13.60 -17.34
N GLU A 32 -10.51 13.41 -18.65
CA GLU A 32 -11.23 12.28 -19.21
C GLU A 32 -10.48 10.95 -19.08
N VAL A 33 -9.24 10.96 -18.60
CA VAL A 33 -8.39 9.77 -18.57
C VAL A 33 -8.57 9.10 -17.21
N ASN A 34 -9.15 7.90 -17.20
CA ASN A 34 -9.46 7.17 -15.98
C ASN A 34 -8.37 6.14 -15.72
N THR A 35 -7.80 6.14 -14.50
CA THR A 35 -6.70 5.23 -14.20
C THR A 35 -7.11 4.07 -13.30
N THR A 36 -8.41 3.83 -13.10
CA THR A 36 -8.81 2.75 -12.19
C THR A 36 -8.42 1.38 -12.75
N THR A 37 -8.04 0.47 -11.87
CA THR A 37 -7.43 -0.78 -12.30
C THR A 37 -7.70 -1.84 -11.23
N ARG A 38 -7.20 -3.05 -11.47
CA ARG A 38 -7.31 -4.16 -10.53
C ARG A 38 -5.93 -4.52 -10.00
N LEU A 39 -5.83 -4.59 -8.68
CA LEU A 39 -4.65 -5.17 -8.05
C LEU A 39 -4.66 -6.69 -8.16
N SER A 40 -5.83 -7.28 -7.94
CA SER A 40 -6.03 -8.72 -8.00
C SER A 40 -7.48 -8.95 -8.42
N ARG A 41 -7.87 -10.23 -8.51
CA ARG A 41 -9.18 -10.58 -9.06
C ARG A 41 -10.31 -9.78 -8.38
N ASN A 42 -10.22 -9.59 -7.07
CA ASN A 42 -11.31 -8.98 -6.33
C ASN A 42 -10.94 -7.66 -5.67
N VAL A 43 -9.86 -7.00 -6.10
CA VAL A 43 -9.43 -5.75 -5.48
C VAL A 43 -9.18 -4.71 -6.57
N LYS A 44 -9.94 -3.62 -6.54
CA LYS A 44 -9.77 -2.51 -7.47
C LYS A 44 -9.01 -1.37 -6.80
N LEU A 45 -8.28 -0.60 -7.61
CA LEU A 45 -7.57 0.57 -7.14
C LEU A 45 -7.85 1.74 -8.07
N SER A 46 -7.93 2.94 -7.49
CA SER A 46 -8.15 4.14 -8.29
C SER A 46 -6.93 4.52 -9.11
N ILE A 47 -5.72 4.26 -8.60
CA ILE A 47 -4.49 4.52 -9.39
C ILE A 47 -3.65 3.25 -9.37
N PRO A 48 -2.82 3.01 -10.39
CA PRO A 48 -2.16 1.70 -10.49
C PRO A 48 -0.80 1.60 -9.81
N ILE A 49 -0.62 2.24 -8.65
CA ILE A 49 0.68 2.38 -7.99
C ILE A 49 0.65 1.57 -6.70
N VAL A 50 1.61 0.66 -6.54
CA VAL A 50 1.74 -0.18 -5.36
C VAL A 50 3.12 0.09 -4.74
N ALA A 51 3.14 0.44 -3.46
CA ALA A 51 4.41 0.61 -2.77
C ALA A 51 5.04 -0.74 -2.45
N SER A 52 6.34 -0.86 -2.70
CA SER A 52 7.03 -2.12 -2.57
C SER A 52 7.11 -2.58 -1.12
N ASN A 53 6.94 -3.89 -0.90
CA ASN A 53 7.18 -4.54 0.39
C ASN A 53 8.70 -4.67 0.62
N MET A 54 9.33 -3.53 0.85
CA MET A 54 10.72 -3.42 1.24
C MET A 54 10.80 -2.70 2.57
N ASP A 55 11.76 -3.08 3.40
CA ASP A 55 11.81 -2.47 4.73
C ASP A 55 12.38 -1.07 4.71
N THR A 56 12.75 -0.54 3.52
CA THR A 56 13.07 0.87 3.38
C THR A 56 12.02 1.63 2.59
N VAL A 57 10.89 1.01 2.27
CA VAL A 57 9.86 1.67 1.48
C VAL A 57 8.51 1.71 2.20
N CYS A 58 8.00 0.55 2.61
CA CYS A 58 6.60 0.48 3.06
C CYS A 58 6.45 -0.07 4.47
N GLU A 59 6.26 0.83 5.45
CA GLU A 59 5.65 0.42 6.71
C GLU A 59 4.35 1.21 6.85
N GLN A 60 3.88 1.45 8.08
CA GLN A 60 2.51 1.93 8.23
C GLN A 60 2.31 3.31 7.62
N ARG A 61 3.30 4.21 7.73
CA ARG A 61 3.09 5.56 7.23
C ARG A 61 2.99 5.58 5.70
N MET A 62 3.79 4.76 5.02
CA MET A 62 3.73 4.67 3.56
C MET A 62 2.42 4.02 3.11
N ALA A 63 2.02 2.92 3.78
CA ALA A 63 0.78 2.24 3.43
C ALA A 63 -0.41 3.19 3.55
N VAL A 64 -0.42 4.02 4.59
CA VAL A 64 -1.53 4.98 4.77
C VAL A 64 -1.52 6.00 3.65
N ALA A 65 -0.35 6.51 3.30
CA ALA A 65 -0.26 7.52 2.27
C ALA A 65 -0.68 6.97 0.91
N MET A 66 -0.25 5.75 0.59
CA MET A 66 -0.57 5.18 -0.72
C MET A 66 -2.06 4.95 -0.87
N ALA A 67 -2.69 4.38 0.15
CA ALA A 67 -4.15 4.18 0.11
C ALA A 67 -4.88 5.50 -0.02
N ARG A 68 -4.40 6.54 0.67
CA ARG A 68 -5.05 7.85 0.57
C ARG A 68 -4.97 8.41 -0.83
N GLU A 69 -3.90 8.12 -1.57
CA GLU A 69 -3.80 8.55 -2.96
C GLU A 69 -4.56 7.65 -3.91
N GLY A 70 -5.15 6.56 -3.45
CA GLY A 70 -5.89 5.68 -4.33
C GLY A 70 -5.14 4.47 -4.81
N GLY A 71 -3.92 4.26 -4.33
CA GLY A 71 -3.15 3.04 -4.57
C GLY A 71 -3.16 2.15 -3.34
N ILE A 72 -2.03 1.50 -3.08
CA ILE A 72 -1.93 0.58 -1.94
C ILE A 72 -0.46 0.37 -1.62
N GLY A 73 -0.17 0.02 -0.36
CA GLY A 73 1.15 -0.42 0.04
C GLY A 73 1.08 -1.87 0.49
N ILE A 74 2.18 -2.61 0.29
CA ILE A 74 2.33 -3.98 0.76
C ILE A 74 3.32 -3.97 1.92
N LEU A 75 2.83 -4.26 3.13
CA LEU A 75 3.68 -4.29 4.31
C LEU A 75 4.71 -5.41 4.24
N HIS A 76 5.98 -5.07 4.48
CA HIS A 76 7.04 -6.05 4.36
C HIS A 76 7.02 -7.02 5.55
N ARG A 77 7.66 -8.17 5.37
CA ARG A 77 7.64 -9.27 6.34
C ARG A 77 8.97 -9.44 7.06
N PHE A 78 9.90 -8.50 6.93
CA PHE A 78 11.17 -8.58 7.64
C PHE A 78 11.02 -7.96 9.02
N CYS A 79 10.08 -8.53 9.75
CA CYS A 79 9.73 -8.15 11.11
C CYS A 79 9.09 -9.35 11.76
N SER A 80 8.90 -9.29 13.08
CA SER A 80 8.15 -10.33 13.74
C SER A 80 6.70 -10.30 13.25
N ILE A 81 6.02 -11.44 13.35
CA ILE A 81 4.59 -11.48 13.03
C ILE A 81 3.86 -10.42 13.85
N GLU A 82 4.16 -10.36 15.16
CA GLU A 82 3.56 -9.35 16.02
C GLU A 82 3.79 -7.96 15.47
N GLU A 83 5.02 -7.67 15.01
CA GLU A 83 5.33 -6.36 14.47
C GLU A 83 4.56 -6.10 13.17
N GLN A 84 4.51 -7.09 12.28
CA GLN A 84 3.80 -6.88 11.02
C GLN A 84 2.32 -6.62 11.27
N CYS A 85 1.71 -7.38 12.18
CA CYS A 85 0.31 -7.18 12.50
C CYS A 85 0.06 -5.84 13.14
N ALA A 86 0.99 -5.37 13.97
CA ALA A 86 0.85 -4.06 14.60
C ALA A 86 0.86 -2.94 13.58
N MET A 87 1.75 -3.02 12.59
CA MET A 87 1.73 -2.01 11.53
C MET A 87 0.39 -2.03 10.81
N LEU A 88 -0.13 -3.23 10.54
CA LEU A 88 -1.41 -3.35 9.85
C LEU A 88 -2.53 -2.72 10.64
N ARG A 89 -2.60 -3.01 11.94
CA ARG A 89 -3.64 -2.41 12.78
C ARG A 89 -3.53 -0.90 12.83
N GLU A 90 -2.30 -0.37 12.79
CA GLU A 90 -2.16 1.09 12.76
C GLU A 90 -2.70 1.67 11.46
N VAL A 91 -2.44 0.99 10.35
CA VAL A 91 -2.99 1.44 9.07
C VAL A 91 -4.52 1.47 9.15
N LYS A 92 -5.10 0.40 9.68
CA LYS A 92 -6.56 0.32 9.76
C LYS A 92 -7.14 1.37 10.69
N ARG A 93 -6.34 1.83 11.64
CA ARG A 93 -6.77 2.80 12.64
C ARG A 93 -6.68 4.24 12.12
N ALA A 94 -6.06 4.46 10.94
CA ALA A 94 -5.84 5.81 10.46
C ALA A 94 -7.16 6.56 10.24
N GLN A 95 -8.18 5.86 9.73
CA GLN A 95 -9.49 6.45 9.53
C GLN A 95 -10.51 5.32 9.43
N SER A 96 -11.78 5.67 9.61
CA SER A 96 -12.85 4.68 9.57
C SER A 96 -14.16 5.42 9.39
N PHE A 97 -15.25 4.67 9.23
CA PHE A 97 -16.57 5.29 9.32
C PHE A 97 -17.05 5.10 10.75
N LEU A 98 -17.35 3.86 11.13
CA LEU A 98 -17.62 3.51 12.52
C LEU A 98 -16.31 3.08 13.17
N ILE A 99 -15.85 3.86 14.13
CA ILE A 99 -14.63 3.50 14.87
C ILE A 99 -15.00 2.43 15.90
N GLU A 100 -14.42 1.24 15.74
CA GLU A 100 -14.62 0.19 16.73
C GLU A 100 -13.66 0.40 17.88
N SER A 101 -14.09 0.00 19.07
CA SER A 101 -13.32 0.14 20.30
C SER A 101 -12.66 1.52 20.43
N PRO A 102 -13.44 2.59 20.35
CA PRO A 102 -12.84 3.93 20.48
C PRO A 102 -12.16 4.08 21.83
N ARG A 103 -11.11 4.90 21.83
CA ARG A 103 -10.32 5.08 23.05
C ARG A 103 -11.12 5.81 24.11
N ILE A 104 -10.99 5.35 25.37
CA ILE A 104 -11.79 5.86 26.46
C ILE A 104 -10.90 6.28 27.61
N ILE A 105 -11.50 6.95 28.58
CA ILE A 105 -10.82 7.36 29.80
C ILE A 105 -11.87 7.42 30.91
N LEU A 106 -11.40 7.36 32.17
CA LEU A 106 -12.33 7.37 33.29
C LEU A 106 -12.41 8.75 33.92
N PRO A 107 -13.55 9.10 34.56
CA PRO A 107 -13.75 10.51 34.93
C PRO A 107 -12.84 11.01 36.04
N HIS A 108 -12.35 10.14 36.92
CA HIS A 108 -11.50 10.59 38.01
C HIS A 108 -10.03 10.69 37.61
N GLU A 109 -9.69 10.41 36.35
CA GLU A 109 -8.32 10.50 35.89
C GLU A 109 -7.93 11.97 35.68
N THR A 110 -6.63 12.19 35.55
CA THR A 110 -6.07 13.54 35.46
C THR A 110 -5.91 13.97 34.01
N ALA A 111 -5.72 15.27 33.82
CA ALA A 111 -5.43 15.79 32.49
C ALA A 111 -4.12 15.22 31.95
N ARG A 112 -3.13 15.02 32.84
CA ARG A 112 -1.89 14.38 32.42
C ARG A 112 -2.16 13.00 31.83
N GLU A 113 -3.08 12.26 32.42
CA GLU A 113 -3.43 10.96 31.86
C GLU A 113 -4.29 11.09 30.61
N ALA A 114 -5.08 12.16 30.51
CA ALA A 114 -5.82 12.42 29.27
C ALA A 114 -4.86 12.67 28.11
N TRP A 115 -3.83 13.49 28.32
CA TRP A 115 -2.85 13.75 27.27
C TRP A 115 -2.17 12.47 26.84
N GLU A 116 -1.87 11.58 27.78
CA GLU A 116 -1.23 10.31 27.43
C GLU A 116 -2.17 9.44 26.60
N GLY A 117 -3.46 9.41 26.96
CA GLY A 117 -4.41 8.65 26.16
C GLY A 117 -4.59 9.23 24.76
N LEU A 118 -4.54 10.56 24.65
CA LEU A 118 -4.70 11.17 23.34
C LEU A 118 -3.51 10.87 22.43
N ASN A 119 -2.33 10.68 23.01
CA ASN A 119 -1.15 10.32 22.23
C ASN A 119 -0.96 8.80 22.21
N TRP A 120 -2.06 8.10 21.94
CA TRP A 120 -2.05 6.65 21.88
C TRP A 120 -1.19 6.16 20.73
N LYS A 121 -0.32 5.18 21.00
CA LYS A 121 0.59 4.68 19.98
C LYS A 121 -0.09 3.78 18.95
N GLY A 122 -1.38 3.48 19.11
CA GLY A 122 -2.10 2.65 18.16
C GLY A 122 -2.51 3.32 16.88
N ARG A 123 -2.32 4.64 16.78
CA ARG A 123 -2.59 5.39 15.57
C ARG A 123 -1.49 6.42 15.42
N VAL A 124 -0.94 6.54 14.23
CA VAL A 124 0.07 7.57 13.99
C VAL A 124 -0.59 8.94 14.10
N GLY A 125 -0.05 9.79 14.96
CA GLY A 125 -0.70 11.03 15.30
C GLY A 125 -1.62 10.96 16.49
N GLY A 126 -1.76 9.79 17.13
CA GLY A 126 -2.71 9.68 18.24
C GLY A 126 -4.17 9.81 17.80
N VAL A 127 -5.02 10.15 18.77
CA VAL A 127 -6.44 10.32 18.53
C VAL A 127 -6.86 11.69 19.05
N GLY A 128 -8.00 12.17 18.57
CA GLY A 128 -8.39 13.54 18.85
C GLY A 128 -9.36 13.69 20.01
N CYS A 129 -9.97 12.60 20.42
CA CYS A 129 -10.88 12.68 21.55
C CYS A 129 -10.84 11.37 22.30
N LEU A 130 -11.22 11.42 23.57
CA LEU A 130 -11.41 10.24 24.40
C LEU A 130 -12.83 10.30 24.95
N LEU A 131 -13.54 9.18 24.88
CA LEU A 131 -14.88 9.11 25.46
C LEU A 131 -14.74 8.78 26.94
N VAL A 132 -15.42 9.54 27.79
CA VAL A 132 -15.38 9.33 29.22
C VAL A 132 -16.45 8.33 29.59
N VAL A 133 -16.05 7.23 30.23
CA VAL A 133 -16.95 6.14 30.59
C VAL A 133 -16.75 5.81 32.06
N ASN A 134 -17.76 5.13 32.63
CA ASN A 134 -17.73 4.87 34.07
C ASN A 134 -16.65 3.87 34.45
N CYS A 135 -16.49 2.80 33.65
CA CYS A 135 -15.46 1.80 33.94
C CYS A 135 -15.17 1.04 32.65
N LYS A 136 -14.02 0.36 32.65
CA LYS A 136 -13.57 -0.33 31.45
C LYS A 136 -14.52 -1.45 31.04
N ASN A 137 -15.24 -2.04 32.00
CA ASN A 137 -16.04 -3.23 31.73
C ASN A 137 -17.40 -2.89 31.12
N GLU A 138 -18.04 -1.81 31.58
CA GLU A 138 -19.35 -1.43 31.07
C GLU A 138 -19.32 -0.36 29.99
N ARG A 139 -18.34 0.54 30.04
CA ARG A 139 -18.21 1.63 29.06
C ARG A 139 -19.52 2.41 28.93
N LYS A 140 -20.20 2.62 30.06
CA LYS A 140 -21.35 3.54 30.07
C LYS A 140 -20.85 4.95 29.82
N LEU A 141 -21.40 5.60 28.80
CA LEU A 141 -20.87 6.87 28.32
C LEU A 141 -21.25 8.00 29.29
N LEU A 142 -20.24 8.68 29.83
CA LEU A 142 -20.47 9.83 30.71
C LEU A 142 -20.21 11.16 30.04
N GLY A 143 -19.37 11.19 29.00
CA GLY A 143 -19.06 12.44 28.35
C GLY A 143 -17.89 12.25 27.40
N ILE A 144 -17.31 13.37 27.00
CA ILE A 144 -16.26 13.38 26.00
C ILE A 144 -15.24 14.45 26.34
N ILE A 145 -13.97 14.16 26.09
CA ILE A 145 -12.90 15.12 26.33
C ILE A 145 -11.98 15.15 25.12
N THR A 146 -11.60 16.35 24.70
CA THR A 146 -10.83 16.61 23.49
C THR A 146 -9.53 17.34 23.84
N ARG A 147 -8.62 17.40 22.86
CA ARG A 147 -7.40 18.17 23.06
C ARG A 147 -7.71 19.62 23.38
N HIS A 148 -8.75 20.17 22.75
CA HIS A 148 -9.14 21.54 22.98
C HIS A 148 -9.52 21.78 24.44
N ASP A 149 -10.23 20.83 25.06
CA ASP A 149 -10.64 20.98 26.46
C ASP A 149 -9.48 20.95 27.44
N LEU A 150 -8.33 20.43 27.03
CA LEU A 150 -7.17 20.34 27.90
C LEU A 150 -6.21 21.52 27.76
N LYS A 151 -6.49 22.45 26.85
CA LYS A 151 -5.45 23.41 26.45
C LYS A 151 -5.08 24.37 27.58
N LEU A 152 -5.96 24.59 28.55
CA LEU A 152 -5.67 25.49 29.66
C LEU A 152 -5.67 24.76 31.01
N ALA A 153 -5.64 23.44 31.02
CA ALA A 153 -5.77 22.69 32.25
C ALA A 153 -4.41 22.49 32.92
N ASP A 154 -4.44 22.32 34.24
CA ASP A 154 -3.26 21.87 34.96
C ASP A 154 -3.22 20.34 34.93
N GLU A 155 -2.00 19.80 34.99
CA GLU A 155 -1.82 18.35 34.92
C GLU A 155 -2.67 17.60 35.94
N SER A 156 -3.08 18.25 37.03
CA SER A 156 -3.80 17.61 38.11
C SER A 156 -5.32 17.69 37.95
N THR A 157 -5.81 18.51 37.01
CA THR A 157 -7.24 18.70 36.87
C THR A 157 -7.91 17.41 36.41
N THR A 158 -9.10 17.15 36.94
CA THR A 158 -9.76 15.89 36.65
C THR A 158 -10.41 15.92 35.27
N VAL A 159 -10.50 14.75 34.66
CA VAL A 159 -11.18 14.59 33.37
C VAL A 159 -12.61 15.08 33.46
N GLU A 160 -13.36 14.61 34.47
CA GLU A 160 -14.76 14.98 34.55
C GLU A 160 -14.95 16.48 34.78
N SER A 161 -13.96 17.17 35.35
CA SER A 161 -14.08 18.62 35.49
C SER A 161 -13.96 19.34 34.16
N LEU A 162 -13.30 18.72 33.18
CA LEU A 162 -13.03 19.35 31.90
C LEU A 162 -13.90 18.83 30.77
N MET A 163 -14.61 17.72 30.98
CA MET A 163 -15.31 17.03 29.91
C MET A 163 -16.62 17.72 29.57
N THR A 164 -17.11 17.43 28.36
CA THR A 164 -18.50 17.71 28.03
C THR A 164 -19.34 16.53 28.50
N PRO A 165 -20.35 16.74 29.33
CA PRO A 165 -21.15 15.61 29.83
C PRO A 165 -22.05 15.05 28.72
N VAL A 166 -22.45 13.79 28.92
CA VAL A 166 -23.15 13.06 27.87
C VAL A 166 -24.50 13.71 27.56
N ASP A 167 -25.20 14.21 28.59
CA ASP A 167 -26.48 14.86 28.34
C ASP A 167 -26.34 16.13 27.50
N LYS A 168 -25.12 16.62 27.32
CA LYS A 168 -24.85 17.73 26.41
C LYS A 168 -24.29 17.26 25.07
N MET A 169 -24.18 15.95 24.85
CA MET A 169 -23.64 15.39 23.62
C MET A 169 -24.77 15.01 22.66
N VAL A 170 -24.40 14.87 21.39
CA VAL A 170 -25.27 14.26 20.38
C VAL A 170 -24.89 12.79 20.28
N VAL A 171 -25.84 11.91 20.62
CA VAL A 171 -25.58 10.48 20.73
C VAL A 171 -26.63 9.74 19.91
N SER A 172 -26.23 8.60 19.35
CA SER A 172 -27.13 7.81 18.50
C SER A 172 -27.15 6.38 19.01
N THR A 173 -28.24 5.67 18.71
CA THR A 173 -28.31 4.24 18.94
C THR A 173 -28.36 3.46 17.64
N ASN A 174 -28.14 4.12 16.50
CA ASN A 174 -28.27 3.49 15.19
C ASN A 174 -26.92 2.90 14.81
N THR A 175 -26.75 1.60 15.02
CA THR A 175 -25.54 0.91 14.60
C THR A 175 -25.45 0.74 13.09
N SER A 176 -26.48 1.09 12.34
CA SER A 176 -26.47 1.06 10.89
C SER A 176 -26.52 2.46 10.29
N ILE A 177 -26.17 3.48 11.09
CA ILE A 177 -26.37 4.85 10.65
C ILE A 177 -25.65 5.07 9.32
N SER A 178 -26.29 5.82 8.44
CA SER A 178 -25.73 6.11 7.14
C SER A 178 -24.82 7.33 7.22
N LEU A 179 -24.05 7.56 6.16
CA LEU A 179 -23.22 8.76 6.10
C LEU A 179 -24.08 10.02 6.03
N GLU A 180 -25.17 9.97 5.28
CA GLU A 180 -26.06 11.14 5.20
C GLU A 180 -26.71 11.42 6.56
N GLU A 181 -27.08 10.37 7.29
CA GLU A 181 -27.77 10.58 8.56
C GLU A 181 -26.82 11.16 9.61
N VAL A 182 -25.60 10.64 9.70
CA VAL A 182 -24.68 11.18 10.70
C VAL A 182 -24.23 12.58 10.30
N THR A 183 -24.15 12.86 9.00
CA THR A 183 -23.86 14.22 8.55
C THR A 183 -24.94 15.18 9.02
N HIS A 184 -26.20 14.76 8.92
CA HIS A 184 -27.30 15.56 9.40
C HIS A 184 -27.21 15.79 10.91
N LEU A 185 -26.89 14.74 11.67
CA LEU A 185 -26.77 14.89 13.12
C LEU A 185 -25.67 15.88 13.49
N MET A 186 -24.55 15.82 12.78
CA MET A 186 -23.45 16.75 13.06
C MET A 186 -23.83 18.17 12.64
N ARG A 187 -24.46 18.32 11.48
CA ARG A 187 -24.87 19.66 11.04
C ARG A 187 -25.89 20.26 11.99
N LYS A 188 -26.91 19.50 12.35
CA LYS A 188 -27.95 20.00 13.25
C LYS A 188 -27.41 20.17 14.66
N GLY A 189 -26.71 19.17 15.19
CA GLY A 189 -26.16 19.24 16.53
C GLY A 189 -24.97 20.18 16.69
N ARG A 190 -24.44 20.70 15.59
CA ARG A 190 -23.24 21.52 15.57
C ARG A 190 -22.12 20.89 16.42
N THR A 191 -21.86 19.61 16.15
CA THR A 191 -20.89 18.83 16.91
C THR A 191 -19.98 18.04 15.97
N ALA A 192 -18.84 17.59 16.50
CA ALA A 192 -17.82 16.92 15.69
C ALA A 192 -17.65 15.45 16.04
N ASN A 193 -18.42 14.94 16.99
CA ASN A 193 -18.32 13.57 17.44
C ASN A 193 -19.71 13.06 17.75
N VAL A 194 -20.07 11.93 17.18
CA VAL A 194 -21.32 11.23 17.48
C VAL A 194 -20.99 9.81 17.92
N PRO A 195 -20.95 9.56 19.22
CA PRO A 195 -20.84 8.17 19.69
C PRO A 195 -22.12 7.41 19.40
N ILE A 196 -21.96 6.11 19.15
CA ILE A 196 -23.07 5.17 19.00
C ILE A 196 -23.09 4.32 20.26
N VAL A 197 -24.22 4.33 20.96
CA VAL A 197 -24.34 3.57 22.20
C VAL A 197 -25.41 2.50 22.05
N GLY A 198 -25.38 1.54 22.98
CA GLY A 198 -26.34 0.47 23.01
C GLY A 198 -27.60 0.85 23.78
N GLN A 199 -28.44 -0.16 24.03
CA GLN A 199 -29.71 0.08 24.69
C GLN A 199 -29.52 0.49 26.15
N ASN A 200 -28.41 0.09 26.77
CA ASN A 200 -28.09 0.44 28.15
C ASN A 200 -27.04 1.56 28.25
N GLY A 201 -26.97 2.43 27.25
CA GLY A 201 -26.04 3.56 27.27
C GLY A 201 -24.58 3.21 27.10
N GLN A 202 -24.25 1.96 26.77
CA GLN A 202 -22.86 1.54 26.68
C GLN A 202 -22.26 1.95 25.34
N LEU A 203 -20.99 2.33 25.36
CA LEU A 203 -20.33 2.84 24.16
C LEU A 203 -20.06 1.71 23.18
N LEU A 204 -20.57 1.84 21.94
CA LEU A 204 -20.34 0.84 20.90
C LEU A 204 -19.40 1.32 19.80
N TYR A 205 -19.67 2.48 19.21
CA TYR A 205 -18.80 3.03 18.17
C TYR A 205 -18.66 4.53 18.39
N LEU A 206 -17.79 5.14 17.59
CA LEU A 206 -17.68 6.58 17.49
C LEU A 206 -17.60 6.98 16.03
N VAL A 207 -18.33 8.03 15.64
CA VAL A 207 -18.20 8.63 14.33
C VAL A 207 -17.69 10.06 14.53
N THR A 208 -16.64 10.43 13.80
CA THR A 208 -16.03 11.75 13.93
C THR A 208 -16.22 12.56 12.65
N LEU A 209 -16.27 13.88 12.84
CA LEU A 209 -16.41 14.79 11.72
C LEU A 209 -15.25 14.62 10.73
N SER A 210 -14.04 14.39 11.25
CA SER A 210 -12.88 14.21 10.36
C SER A 210 -13.11 13.09 9.36
N ASP A 211 -13.65 11.97 9.84
CA ASP A 211 -13.92 10.83 8.97
C ASP A 211 -15.06 11.13 8.01
N VAL A 212 -16.09 11.82 8.50
CA VAL A 212 -17.22 12.16 7.64
C VAL A 212 -16.77 13.08 6.51
N VAL A 213 -15.97 14.09 6.84
CA VAL A 213 -15.47 15.01 5.81
C VAL A 213 -14.70 14.23 4.73
N LYS A 214 -13.83 13.32 5.16
CA LYS A 214 -13.06 12.54 4.19
C LYS A 214 -13.98 11.72 3.29
N LEU A 215 -14.99 11.06 3.86
CA LEU A 215 -15.88 10.21 3.07
C LEU A 215 -16.76 11.03 2.15
N ARG A 216 -17.04 12.29 2.50
CA ARG A 216 -17.81 13.15 1.63
C ARG A 216 -16.97 13.74 0.49
N LYS A 217 -15.65 13.78 0.64
CA LYS A 217 -14.79 14.44 -0.34
C LYS A 217 -14.53 13.53 -1.52
N ASN A 218 -13.36 13.67 -2.14
CA ASN A 218 -13.00 12.85 -3.30
C ASN A 218 -12.81 11.41 -2.86
N LYS A 219 -13.75 10.54 -3.26
CA LYS A 219 -13.63 9.12 -2.96
C LYS A 219 -12.57 8.49 -3.84
N GLN A 220 -11.39 9.12 -3.90
CA GLN A 220 -10.23 8.48 -4.49
C GLN A 220 -9.66 7.38 -3.59
N ALA A 221 -9.73 7.56 -2.27
CA ALA A 221 -8.99 6.70 -1.35
C ALA A 221 -9.37 5.24 -1.51
N SER A 222 -8.37 4.35 -1.34
CA SER A 222 -8.59 2.90 -1.37
C SER A 222 -9.12 2.46 -0.01
N LEU A 223 -10.38 2.03 0.04
CA LEU A 223 -11.08 1.75 1.29
C LEU A 223 -11.59 0.32 1.32
N ASP A 224 -11.58 -0.29 2.51
CA ASP A 224 -12.29 -1.55 2.72
C ASP A 224 -13.77 -1.26 3.01
N SER A 225 -14.54 -2.31 3.31
CA SER A 225 -15.99 -2.15 3.44
C SER A 225 -16.38 -1.32 4.67
N ARG A 226 -15.47 -1.15 5.62
CA ARG A 226 -15.72 -0.35 6.81
C ARG A 226 -15.26 1.10 6.66
N GLY A 227 -14.78 1.48 5.48
CA GLY A 227 -14.27 2.82 5.28
C GLY A 227 -12.86 3.02 5.80
N ARG A 228 -12.14 1.95 6.12
CA ARG A 228 -10.74 2.05 6.50
C ARG A 228 -9.84 1.87 5.28
N LEU A 229 -8.59 2.33 5.40
CA LEU A 229 -7.67 2.26 4.28
C LEU A 229 -7.31 0.82 3.92
N LEU A 230 -7.26 0.52 2.62
CA LEU A 230 -6.82 -0.77 2.13
C LEU A 230 -5.32 -0.94 2.36
N VAL A 231 -4.91 -2.18 2.62
CA VAL A 231 -3.49 -2.48 2.81
C VAL A 231 -3.26 -3.97 2.65
N GLY A 232 -2.14 -4.33 2.01
CA GLY A 232 -1.72 -5.70 1.86
C GLY A 232 -0.50 -6.00 2.73
N ALA A 233 -0.16 -7.29 2.76
CA ALA A 233 0.97 -7.75 3.56
C ALA A 233 1.63 -8.93 2.88
N ALA A 234 2.97 -8.97 2.93
CA ALA A 234 3.77 -10.04 2.34
C ALA A 234 3.98 -11.17 3.34
N VAL A 235 4.03 -12.39 2.82
CA VAL A 235 4.42 -13.60 3.53
C VAL A 235 5.37 -14.39 2.66
N GLY A 236 6.14 -15.27 3.30
CA GLY A 236 7.02 -16.21 2.63
C GLY A 236 6.34 -17.54 2.37
N VAL A 237 7.15 -18.59 2.28
CA VAL A 237 6.63 -19.88 1.84
C VAL A 237 7.00 -20.97 2.84
N LYS A 238 7.54 -20.57 4.00
CA LYS A 238 7.95 -21.53 5.01
C LYS A 238 6.75 -21.96 5.86
N LYS A 239 6.95 -23.01 6.66
CA LYS A 239 5.87 -23.52 7.49
C LYS A 239 5.29 -22.42 8.37
N ASP A 240 6.17 -21.64 9.00
CA ASP A 240 5.72 -20.58 9.90
C ASP A 240 5.02 -19.44 9.18
N ASP A 241 5.24 -19.27 7.86
CA ASP A 241 4.56 -18.20 7.15
C ASP A 241 3.05 -18.39 7.13
N MET A 242 2.58 -19.64 7.22
CA MET A 242 1.13 -19.86 7.31
C MET A 242 0.57 -19.23 8.58
N ASN A 243 1.29 -19.36 9.70
CA ASN A 243 0.86 -18.70 10.93
C ASN A 243 0.86 -17.18 10.76
N ARG A 244 1.92 -16.63 10.15
CA ARG A 244 1.94 -15.20 9.85
C ARG A 244 0.74 -14.80 9.01
N ALA A 245 0.44 -15.57 7.96
CA ALA A 245 -0.67 -15.24 7.08
C ALA A 245 -1.99 -15.20 7.84
N ILE A 246 -2.23 -16.22 8.67
CA ILE A 246 -3.49 -16.27 9.42
C ILE A 246 -3.63 -15.03 10.28
N ARG A 247 -2.57 -14.66 11.00
CA ARG A 247 -2.63 -13.52 11.90
C ARG A 247 -2.73 -12.20 11.15
N LEU A 248 -2.10 -12.09 9.97
CA LEU A 248 -2.26 -10.88 9.17
C LEU A 248 -3.70 -10.70 8.73
N VAL A 249 -4.34 -11.78 8.28
CA VAL A 249 -5.73 -11.68 7.86
C VAL A 249 -6.61 -11.28 9.04
N GLU A 250 -6.35 -11.86 10.22
CA GLU A 250 -7.09 -11.46 11.42
C GLU A 250 -6.89 -9.99 11.75
N ALA A 251 -5.69 -9.45 11.46
CA ALA A 251 -5.42 -8.05 11.73
C ALA A 251 -6.07 -7.12 10.70
N GLY A 252 -6.53 -7.65 9.57
CA GLY A 252 -7.26 -6.82 8.64
C GLY A 252 -6.68 -6.77 7.24
N ALA A 253 -5.62 -7.54 6.96
CA ALA A 253 -5.01 -7.56 5.63
C ALA A 253 -6.07 -7.75 4.57
N ASP A 254 -6.06 -6.88 3.56
CA ASP A 254 -7.02 -6.96 2.48
C ASP A 254 -6.58 -7.88 1.35
N VAL A 255 -5.27 -8.08 1.21
CA VAL A 255 -4.69 -9.08 0.30
C VAL A 255 -3.42 -9.58 0.94
N LEU A 256 -3.03 -10.80 0.57
CA LEU A 256 -1.75 -11.34 0.96
C LEU A 256 -0.88 -11.46 -0.30
N VAL A 257 0.42 -11.26 -0.13
CA VAL A 257 1.35 -11.36 -1.25
C VAL A 257 2.41 -12.41 -0.88
N VAL A 258 2.34 -13.56 -1.54
CA VAL A 258 3.39 -14.57 -1.43
C VAL A 258 4.56 -14.09 -2.27
N ASP A 259 5.71 -13.87 -1.63
CA ASP A 259 6.81 -13.16 -2.29
C ASP A 259 8.12 -13.89 -2.02
N ILE A 260 8.65 -14.55 -3.05
CA ILE A 260 9.99 -15.10 -3.02
C ILE A 260 10.66 -14.83 -4.36
N ALA A 261 11.99 -14.83 -4.35
CA ALA A 261 12.73 -14.44 -5.55
C ALA A 261 12.34 -15.29 -6.76
N HIS A 262 12.22 -16.60 -6.58
CA HIS A 262 11.91 -17.51 -7.68
C HIS A 262 10.51 -18.08 -7.47
N GLY A 263 9.50 -17.34 -7.95
CA GLY A 263 8.11 -17.72 -7.78
C GLY A 263 7.67 -18.92 -8.60
N HIS A 264 8.42 -19.27 -9.63
CA HIS A 264 8.11 -20.49 -10.41
C HIS A 264 8.75 -21.71 -9.76
N SER A 265 8.29 -22.01 -8.56
CA SER A 265 8.87 -23.09 -7.78
C SER A 265 7.74 -23.77 -7.03
N ASP A 266 7.96 -25.05 -6.70
CA ASP A 266 6.95 -25.78 -5.93
C ASP A 266 6.70 -25.11 -4.57
N LEU A 267 7.74 -24.50 -3.98
CA LEU A 267 7.59 -23.83 -2.70
C LEU A 267 6.52 -22.75 -2.79
N CYS A 268 6.57 -21.96 -3.86
CA CYS A 268 5.59 -20.88 -4.01
C CYS A 268 4.24 -21.43 -4.40
N ILE A 269 4.21 -22.39 -5.33
CA ILE A 269 2.94 -22.96 -5.76
C ILE A 269 2.21 -23.62 -4.60
N ASN A 270 2.96 -24.29 -3.73
CA ASN A 270 2.35 -25.00 -2.61
C ASN A 270 1.89 -24.04 -1.52
N MET A 271 2.59 -22.91 -1.36
CA MET A 271 2.13 -21.89 -0.42
C MET A 271 0.82 -21.27 -0.91
N VAL A 272 0.70 -21.02 -2.21
CA VAL A 272 -0.55 -20.51 -2.76
C VAL A 272 -1.68 -21.50 -2.54
N LYS A 273 -1.42 -22.78 -2.83
CA LYS A 273 -2.44 -23.80 -2.62
C LYS A 273 -2.85 -23.90 -1.15
N ARG A 274 -1.87 -23.81 -0.24
CA ARG A 274 -2.17 -23.85 1.18
C ARG A 274 -3.03 -22.67 1.60
N LEU A 275 -2.72 -21.48 1.10
CA LEU A 275 -3.46 -20.28 1.47
C LEU A 275 -4.88 -20.31 0.93
N LYS A 276 -5.07 -20.81 -0.29
CA LYS A 276 -6.43 -20.92 -0.82
C LYS A 276 -7.18 -22.05 -0.15
N GLY A 277 -6.48 -23.04 0.41
CA GLY A 277 -7.12 -24.19 1.01
C GLY A 277 -7.56 -24.02 2.44
N ASP A 278 -7.11 -22.96 3.12
CA ASP A 278 -7.45 -22.74 4.52
C ASP A 278 -8.47 -21.62 4.64
N PRO A 279 -9.63 -21.86 5.26
CA PRO A 279 -10.62 -20.77 5.39
C PRO A 279 -10.11 -19.58 6.18
N ARG A 280 -9.09 -19.77 7.03
CA ARG A 280 -8.56 -18.65 7.79
C ARG A 280 -7.79 -17.65 6.91
N THR A 281 -7.33 -18.07 5.73
CA THR A 281 -6.65 -17.18 4.81
C THR A 281 -7.34 -17.01 3.46
N ALA A 282 -8.25 -17.92 3.08
CA ALA A 282 -8.87 -17.86 1.76
C ALA A 282 -9.92 -16.77 1.64
N SER A 283 -10.19 -16.04 2.72
CA SER A 283 -11.11 -14.93 2.65
C SER A 283 -10.52 -13.71 1.95
N VAL A 284 -9.22 -13.70 1.62
CA VAL A 284 -8.62 -12.57 0.93
C VAL A 284 -7.88 -13.06 -0.31
N ASP A 285 -7.78 -12.17 -1.30
CA ASP A 285 -7.04 -12.49 -2.51
C ASP A 285 -5.58 -12.83 -2.19
N ILE A 286 -5.06 -13.83 -2.90
CA ILE A 286 -3.69 -14.29 -2.75
C ILE A 286 -2.94 -13.91 -4.03
N ILE A 287 -1.97 -13.02 -3.88
CA ILE A 287 -1.06 -12.61 -4.96
C ILE A 287 0.25 -13.38 -4.77
N ALA A 288 0.90 -13.75 -5.88
CA ALA A 288 2.11 -14.55 -5.78
C ALA A 288 3.12 -14.10 -6.83
N GLY A 289 4.40 -14.22 -6.47
CA GLY A 289 5.51 -13.91 -7.35
C GLY A 289 6.79 -14.30 -6.63
N ASN A 290 7.93 -14.02 -7.28
CA ASN A 290 8.02 -13.26 -8.52
C ASN A 290 8.35 -14.17 -9.71
N ILE A 291 7.78 -13.83 -10.87
CA ILE A 291 7.84 -14.72 -12.03
C ILE A 291 8.20 -13.87 -13.23
N ALA A 292 8.58 -14.55 -14.30
CA ALA A 292 8.96 -13.79 -15.50
C ALA A 292 8.74 -14.57 -16.78
N SER A 293 7.90 -15.61 -16.80
CA SER A 293 7.67 -16.41 -18.00
C SER A 293 6.20 -16.78 -18.09
N ALA A 294 5.77 -17.07 -19.33
CA ALA A 294 4.39 -17.52 -19.54
C ALA A 294 4.11 -18.81 -18.79
N GLU A 295 5.08 -19.74 -18.79
CA GLU A 295 4.88 -21.00 -18.08
C GLU A 295 4.71 -20.75 -16.58
N ALA A 296 5.46 -19.80 -16.02
CA ALA A 296 5.34 -19.49 -14.60
C ALA A 296 3.99 -18.88 -14.28
N ALA A 297 3.50 -17.99 -15.15
CA ALA A 297 2.17 -17.43 -14.94
C ALA A 297 1.11 -18.53 -14.94
N GLU A 298 1.19 -19.43 -15.91
CA GLU A 298 0.24 -20.54 -15.97
C GLU A 298 0.25 -21.35 -14.68
N ALA A 299 1.44 -21.62 -14.15
CA ALA A 299 1.53 -22.48 -12.97
C ALA A 299 0.94 -21.81 -11.74
N LEU A 300 1.25 -20.53 -11.55
CA LEU A 300 0.74 -19.84 -10.38
C LEU A 300 -0.77 -19.61 -10.49
N ILE A 301 -1.27 -19.31 -11.69
CA ILE A 301 -2.71 -19.19 -11.88
C ILE A 301 -3.40 -20.52 -11.60
N ASP A 302 -2.84 -21.61 -12.12
CA ASP A 302 -3.42 -22.93 -11.87
C ASP A 302 -3.38 -23.29 -10.39
N ALA A 303 -2.41 -22.76 -9.64
CA ALA A 303 -2.37 -22.99 -8.21
C ALA A 303 -3.41 -22.16 -7.46
N GLY A 304 -4.09 -21.24 -8.13
CA GLY A 304 -5.14 -20.43 -7.54
C GLY A 304 -4.83 -18.96 -7.29
N ALA A 305 -3.69 -18.45 -7.78
CA ALA A 305 -3.35 -17.05 -7.53
C ALA A 305 -4.41 -16.09 -8.07
N ASP A 306 -4.76 -15.10 -7.25
CA ASP A 306 -5.64 -14.01 -7.65
C ASP A 306 -4.90 -12.83 -8.29
N GLY A 307 -3.57 -12.82 -8.22
CA GLY A 307 -2.77 -11.82 -8.89
C GLY A 307 -1.35 -12.34 -8.99
N LEU A 308 -0.60 -11.79 -9.96
CA LEU A 308 0.78 -12.22 -10.21
C LEU A 308 1.71 -11.03 -10.09
N LYS A 309 2.88 -11.25 -9.51
CA LYS A 309 3.88 -10.18 -9.41
C LYS A 309 5.04 -10.57 -10.33
N ILE A 310 5.36 -9.69 -11.27
CA ILE A 310 6.26 -9.99 -12.39
C ILE A 310 7.57 -9.26 -12.14
N GLY A 311 8.68 -10.00 -12.16
CA GLY A 311 9.99 -9.36 -12.17
C GLY A 311 11.05 -10.21 -11.49
N VAL A 312 12.04 -10.68 -12.25
CA VAL A 312 13.17 -11.43 -11.70
C VAL A 312 14.43 -10.64 -12.03
N GLY A 313 14.95 -9.91 -11.04
CA GLY A 313 16.19 -9.18 -11.19
C GLY A 313 16.21 -7.69 -11.51
N PRO A 314 15.13 -7.08 -12.04
CA PRO A 314 15.27 -5.70 -12.54
C PRO A 314 15.32 -4.63 -11.45
N GLY A 315 15.15 -5.01 -10.18
CA GLY A 315 15.03 -4.00 -9.13
C GLY A 315 16.29 -3.16 -8.98
N SER A 316 16.09 -1.89 -8.60
CA SER A 316 17.19 -0.94 -8.43
C SER A 316 18.31 -1.50 -7.56
N ILE A 317 17.95 -2.16 -6.45
CA ILE A 317 18.95 -2.69 -5.52
C ILE A 317 19.17 -4.18 -5.70
N ALA A 318 18.62 -4.78 -6.75
CA ALA A 318 18.66 -6.23 -6.98
C ALA A 318 19.89 -6.61 -7.80
N ILE A 319 20.54 -7.72 -7.42
CA ILE A 319 21.70 -8.22 -8.14
C ILE A 319 21.63 -9.73 -8.32
N THR A 320 20.41 -10.28 -8.26
CA THR A 320 20.16 -11.65 -8.69
C THR A 320 20.82 -11.96 -10.04
N ARG A 321 20.72 -11.02 -10.98
CA ARG A 321 21.31 -11.27 -12.30
C ARG A 321 22.83 -11.34 -12.22
N LEU A 322 23.44 -10.70 -11.22
CA LEU A 322 24.89 -10.77 -11.07
C LEU A 322 25.34 -11.95 -10.22
N VAL A 323 24.53 -12.38 -9.26
CA VAL A 323 24.93 -13.48 -8.37
C VAL A 323 24.54 -14.83 -8.95
N ALA A 324 23.29 -14.96 -9.40
CA ALA A 324 22.82 -16.22 -9.99
C ALA A 324 22.90 -16.22 -11.52
N GLY A 325 22.89 -15.06 -12.16
CA GLY A 325 22.95 -15.01 -13.61
C GLY A 325 21.61 -15.11 -14.29
N ALA A 326 20.51 -15.07 -13.54
CA ALA A 326 19.17 -15.36 -14.01
C ALA A 326 18.31 -14.10 -14.04
N GLY A 327 17.33 -14.09 -14.93
CA GLY A 327 16.45 -12.95 -15.07
C GLY A 327 15.88 -12.89 -16.47
N VAL A 328 14.97 -11.94 -16.66
CA VAL A 328 14.35 -11.66 -17.96
C VAL A 328 14.18 -10.15 -18.05
N PRO A 329 14.60 -9.52 -19.15
CA PRO A 329 14.37 -8.08 -19.30
C PRO A 329 12.90 -7.77 -19.11
N GLN A 330 12.62 -6.69 -18.37
CA GLN A 330 11.32 -6.60 -17.70
C GLN A 330 10.17 -6.34 -18.66
N LEU A 331 10.40 -5.62 -19.76
CA LEU A 331 9.29 -5.42 -20.69
C LEU A 331 8.85 -6.73 -21.31
N SER A 332 9.81 -7.57 -21.69
CA SER A 332 9.46 -8.86 -22.28
C SER A 332 8.78 -9.75 -21.24
N ALA A 333 9.20 -9.65 -19.97
CA ALA A 333 8.59 -10.48 -18.93
C ALA A 333 7.12 -10.10 -18.73
N VAL A 334 6.85 -8.80 -18.71
CA VAL A 334 5.47 -8.31 -18.59
C VAL A 334 4.65 -8.75 -19.79
N LEU A 335 5.19 -8.57 -21.00
CA LEU A 335 4.45 -8.98 -22.19
C LEU A 335 4.09 -10.46 -22.15
N ALA A 336 5.06 -11.31 -21.79
CA ALA A 336 4.80 -12.74 -21.84
C ALA A 336 3.84 -13.15 -20.74
N CYS A 337 4.02 -12.60 -19.55
CA CYS A 337 3.19 -13.04 -18.44
C CYS A 337 1.76 -12.54 -18.58
N THR A 338 1.58 -11.31 -19.07
CA THR A 338 0.22 -10.79 -19.13
C THR A 338 -0.57 -11.40 -20.27
N ARG A 339 0.10 -11.85 -21.33
CA ARG A 339 -0.61 -12.59 -22.38
C ARG A 339 -1.34 -13.80 -21.81
N VAL A 340 -0.66 -14.56 -20.96
CA VAL A 340 -1.29 -15.72 -20.32
C VAL A 340 -2.34 -15.26 -19.32
N ALA A 341 -1.98 -14.30 -18.47
CA ALA A 341 -2.86 -13.91 -17.37
C ALA A 341 -4.14 -13.25 -17.87
N ARG A 342 -4.05 -12.45 -18.94
CA ARG A 342 -5.24 -11.76 -19.43
C ARG A 342 -6.31 -12.76 -19.87
N ARG A 343 -5.89 -13.91 -20.41
CA ARG A 343 -6.87 -14.89 -20.85
C ARG A 343 -7.53 -15.59 -19.67
N ARG A 344 -6.90 -15.58 -18.50
CA ARG A 344 -7.44 -16.20 -17.31
C ARG A 344 -8.07 -15.19 -16.34
N GLY A 345 -8.01 -13.90 -16.65
CA GLY A 345 -8.57 -12.86 -15.79
C GLY A 345 -7.79 -12.56 -14.53
N VAL A 346 -6.47 -12.70 -14.55
CA VAL A 346 -5.65 -12.55 -13.35
C VAL A 346 -4.79 -11.30 -13.52
N PRO A 347 -4.97 -10.26 -12.70
CA PRO A 347 -4.17 -9.05 -12.87
C PRO A 347 -2.70 -9.26 -12.53
N CYS A 348 -1.84 -8.45 -13.15
CA CYS A 348 -0.40 -8.57 -12.98
C CYS A 348 0.21 -7.26 -12.48
N ILE A 349 1.11 -7.37 -11.52
CA ILE A 349 1.88 -6.25 -10.99
C ILE A 349 3.26 -6.27 -11.66
N ALA A 350 3.62 -5.21 -12.38
CA ALA A 350 4.98 -5.09 -12.93
C ALA A 350 5.91 -4.55 -11.84
N ASP A 351 6.79 -5.42 -11.31
CA ASP A 351 7.56 -5.11 -10.10
C ASP A 351 9.04 -4.93 -10.41
N GLY A 352 9.52 -3.70 -10.33
CA GLY A 352 10.95 -3.49 -10.37
C GLY A 352 11.43 -2.83 -11.66
N GLY A 353 12.49 -2.02 -11.53
CA GLY A 353 13.14 -1.48 -12.71
C GLY A 353 12.50 -0.23 -13.26
N LEU A 354 11.49 0.31 -12.59
CA LEU A 354 10.83 1.53 -13.05
C LEU A 354 11.55 2.74 -12.49
N ARG A 355 11.84 3.71 -13.36
CA ARG A 355 12.62 4.87 -12.99
C ARG A 355 11.88 6.18 -13.18
N THR A 356 10.90 6.24 -14.09
CA THR A 356 10.19 7.46 -14.43
C THR A 356 8.73 7.12 -14.64
N SER A 357 7.88 8.16 -14.67
CA SER A 357 6.49 7.93 -15.03
C SER A 357 6.37 7.36 -16.43
N GLY A 358 7.31 7.71 -17.32
CA GLY A 358 7.31 7.13 -18.66
C GLY A 358 7.41 5.61 -18.63
N ASP A 359 8.22 5.07 -17.73
CA ASP A 359 8.31 3.62 -17.59
C ASP A 359 6.99 3.01 -17.12
N ILE A 360 6.27 3.72 -16.27
CA ILE A 360 4.96 3.25 -15.83
C ILE A 360 4.02 3.14 -17.01
N SER A 361 3.99 4.17 -17.88
CA SER A 361 3.17 4.07 -19.09
C SER A 361 3.55 2.85 -19.92
N LYS A 362 4.85 2.57 -20.06
CA LYS A 362 5.25 1.42 -20.84
C LYS A 362 4.80 0.11 -20.19
N ALA A 363 4.93 0.02 -18.87
CA ALA A 363 4.54 -1.20 -18.17
C ALA A 363 3.05 -1.48 -18.35
N ILE A 364 2.21 -0.46 -18.17
CA ILE A 364 0.77 -0.61 -18.39
C ILE A 364 0.49 -0.93 -19.85
N GLY A 365 1.14 -0.21 -20.77
CA GLY A 365 1.01 -0.54 -22.19
C GLY A 365 1.42 -1.95 -22.55
N ALA A 366 2.38 -2.52 -21.83
CA ALA A 366 2.77 -3.90 -22.08
C ALA A 366 1.83 -4.91 -21.41
N GLY A 367 0.76 -4.47 -20.76
CA GLY A 367 -0.23 -5.37 -20.21
C GLY A 367 -0.35 -5.37 -18.70
N ALA A 368 0.54 -4.71 -17.95
CA ALA A 368 0.43 -4.75 -16.50
C ALA A 368 -0.81 -3.99 -16.03
N ASP A 369 -1.43 -4.49 -14.94
CA ASP A 369 -2.53 -3.75 -14.32
C ASP A 369 -2.07 -2.74 -13.29
N THR A 370 -0.97 -3.04 -12.59
CA THR A 370 -0.37 -2.12 -11.64
C THR A 370 1.14 -2.18 -11.78
N VAL A 371 1.81 -1.21 -11.17
CA VAL A 371 3.27 -1.23 -11.01
C VAL A 371 3.60 -1.20 -9.53
N MET A 372 4.71 -1.83 -9.17
CA MET A 372 5.23 -1.79 -7.82
C MET A 372 6.53 -1.00 -7.82
N LEU A 373 6.65 -0.03 -6.93
CA LEU A 373 7.77 0.89 -6.90
C LEU A 373 8.51 0.79 -5.58
N GLY A 374 9.84 0.62 -5.67
CA GLY A 374 10.68 0.72 -4.49
C GLY A 374 11.44 2.03 -4.52
N ASN A 375 12.47 2.08 -5.38
CA ASN A 375 13.39 3.22 -5.42
C ASN A 375 12.67 4.56 -5.59
N MET A 376 11.67 4.62 -6.48
CA MET A 376 11.02 5.91 -6.71
C MET A 376 10.29 6.43 -5.47
N LEU A 377 9.93 5.57 -4.51
CA LEU A 377 9.28 6.02 -3.28
C LEU A 377 10.21 6.02 -2.06
N ALA A 378 11.38 5.39 -2.16
CA ALA A 378 12.32 5.43 -1.05
C ALA A 378 12.78 6.87 -0.83
N GLY A 379 13.16 7.18 0.41
CA GLY A 379 13.59 8.51 0.74
C GLY A 379 12.49 9.54 0.83
N THR A 380 11.23 9.15 0.64
CA THR A 380 10.17 10.09 0.92
C THR A 380 9.96 10.17 2.43
N ASP A 381 9.24 11.21 2.85
CA ASP A 381 8.90 11.38 4.26
C ASP A 381 8.33 10.10 4.85
N GLU A 382 7.40 9.48 4.14
CA GLU A 382 6.66 8.34 4.67
C GLU A 382 7.44 7.03 4.61
N ALA A 383 8.51 6.96 3.83
CA ALA A 383 9.34 5.76 3.83
C ALA A 383 9.99 5.60 5.20
N PRO A 384 10.23 4.36 5.62
CA PRO A 384 10.86 4.14 6.93
C PRO A 384 12.31 4.64 6.92
N GLY A 385 12.85 4.78 8.13
CA GLY A 385 14.27 5.02 8.30
C GLY A 385 14.58 6.46 8.68
N ARG A 386 15.83 6.67 9.08
CA ARG A 386 16.31 7.98 9.46
C ARG A 386 16.89 8.72 8.26
N VAL A 387 16.69 10.04 8.25
CA VAL A 387 17.42 10.88 7.31
C VAL A 387 18.89 10.88 7.71
N LEU A 388 19.77 10.80 6.72
CA LEU A 388 21.21 10.81 6.94
C LEU A 388 21.85 11.83 6.00
N VAL A 389 23.03 12.31 6.40
CA VAL A 389 23.81 13.24 5.60
C VAL A 389 24.90 12.43 4.91
N LYS A 390 24.70 12.18 3.61
CA LYS A 390 25.66 11.41 2.81
C LYS A 390 26.53 12.41 2.05
N ASP A 391 27.60 12.85 2.71
CA ASP A 391 28.59 13.76 2.12
C ASP A 391 27.94 15.04 1.61
N GLY A 392 27.14 15.67 2.46
CA GLY A 392 26.60 16.97 2.13
C GLY A 392 25.09 17.13 2.19
N GLN A 393 24.36 16.28 1.47
CA GLN A 393 22.91 16.42 1.34
C GLN A 393 22.18 15.40 2.21
N LYS A 394 20.87 15.60 2.33
CA LYS A 394 20.03 14.72 3.14
C LYS A 394 19.61 13.50 2.32
N VAL A 395 19.82 12.31 2.89
CA VAL A 395 19.59 11.05 2.19
C VAL A 395 18.87 10.08 3.12
N LYS A 396 18.36 9.00 2.52
CA LYS A 396 17.80 7.87 3.26
C LYS A 396 18.34 6.58 2.65
N ILE A 397 18.37 5.54 3.47
CA ILE A 397 18.87 4.23 3.03
C ILE A 397 17.81 3.55 2.17
N ILE A 398 18.27 2.91 1.08
CA ILE A 398 17.49 1.91 0.36
C ILE A 398 18.35 0.66 0.26
N ARG A 399 17.75 -0.51 0.50
CA ARG A 399 18.54 -1.73 0.54
C ARG A 399 17.72 -2.91 0.06
N GLY A 400 18.42 -3.85 -0.59
CA GLY A 400 17.77 -5.04 -1.08
C GLY A 400 17.37 -5.97 0.05
N MET A 401 16.24 -6.65 -0.15
CA MET A 401 15.73 -7.61 0.82
C MET A 401 16.48 -8.95 0.78
N ALA A 402 17.33 -9.16 -0.23
CA ALA A 402 18.25 -10.29 -0.24
C ALA A 402 19.68 -9.88 0.07
N GLY A 403 19.89 -8.63 0.53
CA GLY A 403 21.20 -8.15 0.92
C GLY A 403 21.48 -8.37 2.40
N PHE A 404 22.70 -7.99 2.80
CA PHE A 404 23.13 -8.22 4.18
C PHE A 404 22.36 -7.33 5.16
N GLY A 405 22.18 -6.05 4.82
CA GLY A 405 21.60 -5.10 5.75
C GLY A 405 20.18 -5.49 6.17
N ALA A 406 19.33 -5.80 5.19
CA ALA A 406 17.95 -6.17 5.49
C ALA A 406 17.86 -7.48 6.25
N ASN A 407 18.81 -8.40 6.03
CA ASN A 407 18.69 -9.72 6.66
C ASN A 407 19.19 -9.74 8.09
N LEU A 408 20.21 -8.93 8.41
CA LEU A 408 20.61 -8.78 9.81
C LEU A 408 19.54 -8.04 10.60
N SER A 409 18.86 -7.07 9.96
CA SER A 409 17.76 -6.37 10.61
C SER A 409 16.56 -7.29 10.81
N LYS A 410 16.34 -8.24 9.89
CA LYS A 410 15.31 -9.25 10.09
C LYS A 410 15.68 -10.18 11.24
N ALA A 411 16.97 -10.40 11.47
CA ALA A 411 17.39 -11.20 12.62
C ALA A 411 17.26 -10.41 13.92
N GLU A 412 17.50 -9.09 13.88
CA GLU A 412 17.40 -8.28 15.09
C GLU A 412 15.95 -8.08 15.52
N ARG A 413 15.01 -8.14 14.58
CA ARG A 413 13.59 -7.91 14.87
C ARG A 413 12.83 -9.18 15.22
N GLU A 414 13.25 -10.32 14.68
CA GLU A 414 12.61 -11.60 14.97
C GLU A 414 13.30 -12.37 16.10
N ARG A 415 14.36 -11.80 16.67
CA ARG A 415 15.12 -12.41 17.77
C ARG A 415 15.79 -13.72 17.33
N THR A 416 16.71 -13.59 16.37
CA THR A 416 17.53 -14.71 15.89
C THR A 416 19.01 -14.41 16.14
N SER A 424 25.23 -17.70 6.49
CA SER A 424 25.39 -18.42 5.23
C SER A 424 24.68 -17.70 4.08
N LEU A 425 24.69 -16.37 4.13
CA LEU A 425 23.96 -15.54 3.17
C LEU A 425 24.84 -15.24 1.96
N VAL A 426 24.45 -15.73 0.80
CA VAL A 426 25.01 -15.29 -0.47
C VAL A 426 24.11 -14.16 -0.96
N PRO A 427 24.47 -12.90 -0.75
CA PRO A 427 23.52 -11.80 -0.97
C PRO A 427 23.16 -11.65 -2.44
N GLU A 428 21.90 -11.28 -2.68
CA GLU A 428 21.41 -10.95 -4.02
C GLU A 428 20.76 -9.56 -4.04
N GLY A 429 21.08 -8.72 -3.06
CA GLY A 429 20.72 -7.32 -3.09
C GLY A 429 21.81 -6.50 -2.43
N VAL A 430 21.76 -5.18 -2.66
CA VAL A 430 22.78 -4.27 -2.17
C VAL A 430 22.11 -3.21 -1.29
N GLU A 431 22.95 -2.42 -0.63
CA GLU A 431 22.53 -1.25 0.13
C GLU A 431 23.06 0.02 -0.51
N GLY A 432 22.29 1.10 -0.37
CA GLY A 432 22.68 2.40 -0.88
C GLY A 432 21.85 3.49 -0.25
N SER A 433 22.10 4.72 -0.69
CA SER A 433 21.36 5.88 -0.22
C SER A 433 20.60 6.51 -1.39
N VAL A 434 19.48 7.15 -1.06
CA VAL A 434 18.72 7.96 -2.01
C VAL A 434 18.52 9.33 -1.38
N ALA A 435 18.51 10.37 -2.23
CA ALA A 435 18.23 11.71 -1.76
C ALA A 435 16.82 11.80 -1.19
N CYS A 436 16.67 12.54 -0.10
CA CYS A 436 15.35 12.74 0.51
C CYS A 436 14.41 13.46 -0.43
N LYS A 437 13.23 12.89 -0.64
CA LYS A 437 12.34 13.34 -1.70
C LYS A 437 11.17 14.19 -1.24
N GLY A 438 10.94 14.32 0.07
CA GLY A 438 9.77 15.02 0.57
C GLY A 438 8.59 14.08 0.73
N PRO A 439 7.39 14.62 0.91
CA PRO A 439 6.21 13.75 1.08
C PRO A 439 5.91 12.97 -0.20
N VAL A 440 5.38 11.75 0.01
CA VAL A 440 5.19 10.83 -1.12
C VAL A 440 3.98 11.23 -1.97
N GLY A 441 3.02 11.94 -1.39
CA GLY A 441 1.81 12.33 -2.10
C GLY A 441 2.04 13.07 -3.40
N PRO A 442 2.75 14.20 -3.36
CA PRO A 442 3.02 14.93 -4.61
C PRO A 442 3.79 14.11 -5.63
N ILE A 443 4.68 13.23 -5.16
CA ILE A 443 5.45 12.37 -6.08
C ILE A 443 4.52 11.39 -6.78
N VAL A 444 3.60 10.77 -6.03
CA VAL A 444 2.63 9.85 -6.62
C VAL A 444 1.74 10.58 -7.62
N ARG A 445 1.30 11.79 -7.28
CA ARG A 445 0.42 12.54 -8.17
C ARG A 445 1.12 12.89 -9.48
N GLN A 446 2.41 13.24 -9.42
CA GLN A 446 3.17 13.50 -10.64
C GLN A 446 3.34 12.25 -11.48
N LEU A 447 3.60 11.10 -10.84
CA LEU A 447 3.72 9.85 -11.59
C LEU A 447 2.41 9.51 -12.30
N VAL A 448 1.28 9.67 -11.61
CA VAL A 448 -0.02 9.40 -12.23
C VAL A 448 -0.29 10.38 -13.36
N GLY A 449 0.10 11.65 -13.18
CA GLY A 449 0.00 12.62 -14.25
C GLY A 449 0.82 12.24 -15.47
N GLY A 450 2.03 11.73 -15.25
CA GLY A 450 2.82 11.25 -16.36
C GLY A 450 2.17 10.08 -17.06
N LEU A 451 1.68 9.10 -16.29
CA LEU A 451 0.92 8.00 -16.89
C LEU A 451 -0.24 8.51 -17.73
N ARG A 452 -1.01 9.46 -17.20
CA ARG A 452 -2.13 9.99 -17.97
C ARG A 452 -1.66 10.60 -19.29
N SER A 453 -0.49 11.23 -19.29
CA SER A 453 0.07 11.75 -20.53
C SER A 453 0.36 10.61 -21.50
N GLY A 454 0.99 9.53 -21.03
CA GLY A 454 1.24 8.39 -21.90
C GLY A 454 -0.04 7.78 -22.43
N MET A 455 -1.07 7.69 -21.58
CA MET A 455 -2.35 7.17 -22.05
C MET A 455 -2.92 8.03 -23.16
N SER A 456 -2.78 9.34 -23.03
CA SER A 456 -3.24 10.25 -24.08
C SER A 456 -2.47 10.01 -25.39
N TYR A 457 -1.18 9.66 -25.30
CA TYR A 457 -0.44 9.41 -26.52
C TYR A 457 -0.90 8.12 -27.19
N SER A 458 -1.40 7.16 -26.42
CA SER A 458 -1.97 5.95 -26.97
C SER A 458 -3.43 6.10 -27.35
N GLY A 459 -4.00 7.28 -27.16
CA GLY A 459 -5.41 7.52 -27.39
C GLY A 459 -6.33 6.77 -26.45
N ALA A 460 -5.86 6.49 -25.23
CA ALA A 460 -6.56 5.62 -24.29
C ALA A 460 -7.21 6.46 -23.19
N LYS A 461 -8.49 6.20 -22.91
CA LYS A 461 -9.16 6.86 -21.79
C LYS A 461 -9.30 5.96 -20.56
N SER A 462 -8.79 4.72 -20.62
CA SER A 462 -8.88 3.79 -19.52
C SER A 462 -7.64 2.91 -19.51
N ILE A 463 -7.42 2.20 -18.41
CA ILE A 463 -6.29 1.26 -18.32
C ILE A 463 -6.45 0.14 -19.34
N GLU A 464 -7.66 -0.42 -19.47
CA GLU A 464 -7.87 -1.50 -20.44
C GLU A 464 -7.64 -1.00 -21.87
N GLU A 465 -8.04 0.24 -22.16
CA GLU A 465 -7.75 0.79 -23.48
C GLU A 465 -6.24 0.99 -23.67
N MET A 466 -5.54 1.42 -22.62
CA MET A 466 -4.10 1.57 -22.72
C MET A 466 -3.43 0.23 -23.04
N GLN A 467 -3.89 -0.84 -22.39
CA GLN A 467 -3.32 -2.16 -22.64
C GLN A 467 -3.64 -2.65 -24.04
N ARG A 468 -4.84 -2.34 -24.54
CA ARG A 468 -5.22 -2.85 -25.86
C ARG A 468 -4.61 -2.02 -26.99
N ARG A 469 -4.49 -0.71 -26.81
CA ARG A 469 -4.14 0.18 -27.92
C ARG A 469 -2.65 0.45 -28.04
N THR A 470 -1.87 0.25 -26.98
CA THR A 470 -0.47 0.64 -27.03
C THR A 470 0.30 -0.19 -28.05
N ARG A 471 1.13 0.49 -28.82
CA ARG A 471 2.08 -0.12 -29.74
C ARG A 471 3.45 0.45 -29.43
N PHE A 472 4.46 -0.40 -29.49
CA PHE A 472 5.82 0.00 -29.17
C PHE A 472 6.68 0.08 -30.43
N VAL A 473 7.73 0.90 -30.34
CA VAL A 473 8.83 0.89 -31.30
C VAL A 473 10.13 0.76 -30.53
N ARG A 474 11.02 -0.10 -31.03
CA ARG A 474 12.29 -0.35 -30.38
C ARG A 474 13.30 0.74 -30.75
N MET A 475 14.14 1.14 -29.80
CA MET A 475 15.19 2.12 -30.10
C MET A 475 16.55 1.54 -29.78
N THR A 476 17.56 1.99 -30.54
CA THR A 476 18.95 1.65 -30.24
C THR A 476 19.46 2.53 -29.10
N GLY A 477 20.72 2.31 -28.70
CA GLY A 477 21.35 3.21 -27.76
C GLY A 477 21.37 4.65 -28.24
N ALA A 478 21.54 4.84 -29.55
CA ALA A 478 21.50 6.19 -30.10
C ALA A 478 20.11 6.80 -29.91
N GLY A 479 19.07 6.02 -30.17
CA GLY A 479 17.72 6.51 -29.94
C GLY A 479 17.46 6.84 -28.49
N LEU A 480 18.00 6.03 -27.57
CA LEU A 480 17.81 6.29 -26.14
C LEU A 480 18.43 7.62 -25.73
N ARG A 481 19.62 7.93 -26.24
CA ARG A 481 20.26 9.21 -25.92
C ARG A 481 19.43 10.40 -26.40
N GLU A 482 18.87 10.30 -27.62
CA GLU A 482 17.99 11.37 -28.10
C GLU A 482 16.76 11.54 -27.23
N SER A 483 16.43 10.54 -26.41
CA SER A 483 15.15 10.55 -25.72
C SER A 483 15.20 11.38 -24.45
N GLY A 484 16.31 11.36 -23.72
CA GLY A 484 16.50 12.24 -22.58
C GLY A 484 16.97 13.63 -23.02
N SER A 485 17.36 14.43 -22.03
CA SER A 485 17.98 15.72 -22.32
C SER A 485 19.37 15.51 -22.93
N HIS A 486 19.67 16.27 -23.99
CA HIS A 486 20.97 16.20 -24.63
C HIS A 486 21.40 17.58 -25.14
N GLY A 487 22.69 17.89 -24.96
CA GLY A 487 23.27 19.09 -25.52
C GLY A 487 23.10 20.36 -24.71
N VAL A 488 22.64 20.26 -23.46
CA VAL A 488 22.42 21.42 -22.61
C VAL A 488 22.98 21.10 -21.22
N ALA A 489 23.09 22.14 -20.40
CA ALA A 489 23.58 22.01 -19.04
C ALA A 489 22.54 22.54 -18.05
#